data_6YXL
#
_entry.id   6YXL
#
_cell.length_a   130.886
_cell.length_b   130.886
_cell.length_c   61.026
_cell.angle_alpha   90.000
_cell.angle_beta   90.000
_cell.angle_gamma   90.000
#
_symmetry.space_group_name_H-M   'P 41 21 2'
#
loop_
_entity.id
_entity.type
_entity.pdbx_description
1 polymer 'ACPA F3 Fab fragment - heavy chain'
2 polymer 'ACPA F3 Fab fragment - light chain'
3 non-polymer GLYCEROL
4 non-polymer 'SULFATE ION'
5 water water
#
loop_
_entity_poly.entity_id
_entity_poly.type
_entity_poly.pdbx_seq_one_letter_code
_entity_poly.pdbx_strand_id
1 'polypeptide(L)'
;QVQLVQSGAEVKKPGASVRVSCKASGFVTDYFIQWVRQAPGQGPEWMAWINPHNGETDYAPKLQDRVTVTCDTSTNTAFM
ELSRLTSDDTALYYCGRSGRTDARRAPVSYWGQGALVTVSSASTKGPSVFPLAPSSKSTSGGTAALGCLVKDYFPEPVTV
SWNSGALTSGVHTFPAVLQSSGLYSLSSVVTVPSSSLGTQTYICNVNHKPSNTKVDKRVEP
;
HHH
2 'polypeptide(L)'
;EIVLTQSPGTLSLSPGARATLSCRASQTVRGNYLAWFQQKRGQPPRLLIYLASNRATGIPDRFSGSGSGTDFTLTISRLE
PEDFAVYYCQQYVNTPETFGQGTRVEIKRTVAAPSVFIFPPSDEQLKSGTASVVCLLNNFYPREAKVQWKVDNALQSGNS
QESVTEQDSKDSTYSLSSTLTLSKADYEKHKVYACEVTHQGLSSPVTKSFNRG
;
LLL
#
loop_
_chem_comp.id
_chem_comp.type
_chem_comp.name
_chem_comp.formula
GOL non-polymer GLYCEROL 'C3 H8 O3'
SO4 non-polymer 'SULFATE ION' 'O4 S -2'
#
# COMPACT_ATOMS: atom_id res chain seq x y z
N GLN A 1 11.50 -4.87 -26.03
CA GLN A 1 10.60 -6.02 -25.66
C GLN A 1 9.22 -5.48 -25.22
N VAL A 2 8.34 -6.35 -24.71
CA VAL A 2 6.94 -6.00 -24.36
C VAL A 2 6.95 -4.97 -23.21
N GLN A 3 6.34 -3.82 -23.43
CA GLN A 3 6.16 -2.76 -22.39
C GLN A 3 4.78 -2.11 -22.53
N LEU A 4 4.15 -1.86 -21.40
CA LEU A 4 2.95 -1.00 -21.29
C LEU A 4 3.35 0.22 -20.49
N VAL A 5 3.52 1.35 -21.13
CA VAL A 5 4.01 2.59 -20.46
C VAL A 5 2.79 3.46 -20.25
N GLN A 6 2.50 3.78 -19.01
CA GLN A 6 1.31 4.55 -18.66
C GLN A 6 1.69 6.01 -18.47
N SER A 7 0.69 6.88 -18.55
CA SER A 7 0.83 8.33 -18.36
C SER A 7 1.11 8.56 -16.86
N GLY A 8 1.57 9.76 -16.51
CA GLY A 8 2.04 10.11 -15.17
C GLY A 8 0.90 10.30 -14.19
N ALA A 9 1.25 10.43 -12.92
CA ALA A 9 0.28 10.53 -11.80
C ALA A 9 -0.56 11.79 -12.02
N GLU A 10 -1.79 11.84 -11.53
CA GLU A 10 -2.65 13.03 -11.68
C GLU A 10 -3.38 13.34 -10.39
N VAL A 11 -3.62 14.62 -10.16
CA VAL A 11 -4.54 15.08 -9.09
C VAL A 11 -5.72 15.73 -9.81
N LYS A 12 -6.92 15.40 -9.34
CA LYS A 12 -8.22 15.89 -9.88
C LYS A 12 -9.10 16.35 -8.73
N LYS A 13 -9.87 17.41 -8.97
CA LYS A 13 -10.90 17.85 -8.02
C LYS A 13 -12.07 16.91 -8.18
N PRO A 14 -12.92 16.74 -7.15
CA PRO A 14 -14.21 16.07 -7.33
C PRO A 14 -14.99 16.69 -8.47
N GLY A 15 -15.61 15.84 -9.29
CA GLY A 15 -16.48 16.26 -10.38
C GLY A 15 -15.73 16.32 -11.69
N ALA A 16 -14.39 16.37 -11.68
CA ALA A 16 -13.59 16.44 -12.92
C ALA A 16 -13.50 15.05 -13.59
N SER A 17 -12.86 15.02 -14.75
CA SER A 17 -12.55 13.81 -15.55
C SER A 17 -11.04 13.53 -15.53
N VAL A 18 -10.68 12.29 -15.74
CA VAL A 18 -9.25 11.94 -15.99
C VAL A 18 -9.16 10.99 -17.18
N ARG A 19 -8.13 11.15 -17.99
CA ARG A 19 -7.82 10.17 -19.06
C ARG A 19 -6.41 9.60 -18.84
N VAL A 20 -6.33 8.32 -18.61
CA VAL A 20 -5.04 7.62 -18.40
C VAL A 20 -4.62 7.02 -19.73
N SER A 21 -3.36 7.14 -20.12
CA SER A 21 -2.93 6.39 -21.32
C SER A 21 -2.12 5.16 -20.98
N CYS A 22 -2.03 4.30 -21.98
CA CYS A 22 -1.35 2.99 -21.91
C CYS A 22 -0.69 2.80 -23.25
N LYS A 23 0.53 3.30 -23.37
CA LYS A 23 1.26 3.25 -24.66
C LYS A 23 1.95 1.88 -24.74
N ALA A 24 1.59 1.07 -25.73
CA ALA A 24 2.25 -0.23 -25.98
C ALA A 24 3.57 -0.03 -26.70
N SER A 25 4.63 -0.68 -26.26
CA SER A 25 5.81 -0.81 -27.14
C SER A 25 6.31 -2.28 -27.13
N GLY A 26 6.87 -2.76 -28.24
CA GLY A 26 7.26 -4.16 -28.38
C GLY A 26 6.17 -5.06 -28.95
N PHE A 27 4.97 -4.55 -29.25
CA PHE A 27 3.90 -5.35 -29.90
C PHE A 27 2.88 -4.47 -30.66
N VAL A 28 -0.70 -3.22 -30.71
CA VAL A 28 -1.79 -2.97 -29.69
C VAL A 28 -3.12 -3.51 -30.23
N THR A 29 -3.33 -3.76 -31.80
CA THR A 29 -4.57 -4.38 -32.31
C THR A 29 -4.47 -5.91 -32.21
N ASP A 30 -3.31 -6.44 -31.79
CA ASP A 30 -3.06 -7.89 -31.68
C ASP A 30 -3.58 -8.47 -30.36
N TYR A 31 -3.78 -7.65 -29.32
CA TYR A 31 -4.07 -8.13 -27.96
C TYR A 31 -5.21 -7.36 -27.30
N PHE A 32 -5.99 -8.03 -26.46
CA PHE A 32 -6.95 -7.39 -25.54
C PHE A 32 -6.15 -6.56 -24.54
N ILE A 33 -6.63 -5.35 -24.33
CA ILE A 33 -6.12 -4.45 -23.29
C ILE A 33 -7.20 -4.32 -22.22
N GLN A 34 -6.78 -4.40 -20.97
CA GLN A 34 -7.66 -4.41 -19.81
C GLN A 34 -7.23 -3.32 -18.84
N TRP A 35 -8.19 -2.87 -18.06
CA TRP A 35 -8.00 -1.80 -17.09
C TRP A 35 -8.43 -2.31 -15.74
N VAL A 36 -7.51 -2.18 -14.78
CA VAL A 36 -7.73 -2.65 -13.39
C VAL A 36 -7.24 -1.54 -12.48
N ARG A 37 -8.00 -1.20 -11.44
CA ARG A 37 -7.58 -0.15 -10.49
C ARG A 37 -7.45 -0.74 -9.09
N GLN A 38 -6.61 -0.09 -8.30
CA GLN A 38 -6.29 -0.56 -6.94
C GLN A 38 -6.12 0.64 -5.99
N ALA A 39 -7.07 0.83 -5.09
CA ALA A 39 -7.03 1.84 -4.01
C ALA A 39 -6.02 1.41 -2.96
N PRO A 40 -5.33 2.39 -2.32
CA PRO A 40 -4.26 2.09 -1.38
C PRO A 40 -4.84 1.26 -0.23
N GLY A 41 -4.20 0.13 0.07
CA GLY A 41 -4.63 -0.82 1.11
C GLY A 41 -5.76 -1.71 0.65
N GLN A 42 -6.16 -1.68 -0.61
CA GLN A 42 -7.32 -2.49 -1.04
C GLN A 42 -6.82 -3.45 -2.12
N GLY A 43 -7.69 -4.34 -2.53
CA GLY A 43 -7.43 -5.29 -3.62
C GLY A 43 -7.69 -4.66 -4.98
N PRO A 44 -7.23 -5.35 -6.01
CA PRO A 44 -7.51 -4.91 -7.36
C PRO A 44 -9.00 -5.04 -7.71
N GLU A 45 -9.44 -4.16 -8.62
CA GLU A 45 -10.85 -4.09 -9.11
C GLU A 45 -10.84 -3.95 -10.64
N TRP A 46 -11.41 -4.93 -11.31
CA TRP A 46 -11.49 -4.94 -12.78
C TRP A 46 -12.48 -3.86 -13.21
N MET A 47 -12.11 -3.08 -14.24
CA MET A 47 -12.91 -1.96 -14.81
C MET A 47 -13.42 -2.29 -16.22
N ALA A 48 -12.59 -2.84 -17.12
CA ALA A 48 -12.93 -2.82 -18.57
C ALA A 48 -11.97 -3.66 -19.38
N TRP A 49 -12.42 -4.09 -20.56
CA TRP A 49 -11.54 -4.60 -21.61
C TRP A 49 -11.88 -3.88 -22.92
N ILE A 50 -10.88 -3.74 -23.78
CA ILE A 50 -11.07 -3.37 -25.20
C ILE A 50 -10.37 -4.38 -26.10
N ASN A 51 -11.02 -4.70 -27.20
CA ASN A 51 -10.43 -5.32 -28.39
C ASN A 51 -10.02 -4.18 -29.30
N PRO A 52 -8.73 -3.81 -29.33
CA PRO A 52 -8.30 -2.70 -30.17
C PRO A 52 -8.34 -3.02 -31.67
N HIS A 53 -8.51 -4.29 -32.04
CA HIS A 53 -8.51 -4.69 -33.48
C HIS A 53 -9.86 -4.34 -34.10
N ASN A 54 -11.17 -4.18 -33.15
CA ASN A 54 -12.46 -3.78 -33.77
C ASN A 54 -13.16 -2.76 -32.87
N GLY A 55 -12.57 -2.39 -31.73
CA GLY A 55 -13.12 -1.34 -30.86
C GLY A 55 -14.19 -1.85 -29.93
N GLU A 56 -14.48 -3.15 -29.94
CA GLU A 56 -15.41 -3.73 -28.95
C GLU A 56 -14.90 -3.52 -27.52
N THR A 57 -15.83 -3.24 -26.60
CA THR A 57 -15.52 -3.04 -25.17
C THR A 57 -16.52 -3.75 -24.28
N ASP A 58 -16.09 -3.97 -23.05
CA ASP A 58 -16.92 -4.44 -21.91
C ASP A 58 -16.50 -3.63 -20.69
N TYR A 59 -17.45 -3.21 -19.87
CA TYR A 59 -17.21 -2.30 -18.73
C TYR A 59 -17.86 -2.97 -17.53
N ALA A 60 -17.25 -2.83 -16.37
CA ALA A 60 -17.91 -3.12 -15.07
C ALA A 60 -19.23 -2.35 -14.95
N PRO A 61 -20.40 -3.01 -14.80
CA PRO A 61 -21.69 -2.30 -14.69
C PRO A 61 -21.73 -1.20 -13.62
N LYS A 62 -21.03 -1.34 -12.49
CA LYS A 62 -20.95 -0.26 -11.48
C LYS A 62 -20.13 0.91 -12.06
N LEU A 63 -17.44 1.07 -14.65
CA LEU A 63 -18.34 1.67 -13.64
C LEU A 63 -19.42 2.42 -14.42
N GLN A 64 -19.97 1.64 -15.35
CA GLN A 64 -20.50 2.03 -16.68
C GLN A 64 -21.44 3.22 -16.44
N ASP A 65 -21.51 4.10 -17.43
CA ASP A 65 -22.00 5.50 -17.37
C ASP A 65 -20.78 6.41 -17.23
N ARG A 66 -19.80 6.14 -16.36
CA ARG A 66 -18.70 7.11 -16.11
C ARG A 66 -17.43 6.73 -16.88
N VAL A 67 -17.30 5.49 -17.35
CA VAL A 67 -16.02 5.02 -17.92
C VAL A 67 -16.12 4.87 -19.44
N THR A 68 -15.07 5.24 -20.16
CA THR A 68 -14.91 5.01 -21.62
C THR A 68 -13.48 4.53 -21.86
N VAL A 69 -13.36 3.44 -22.59
CA VAL A 69 -12.05 2.97 -23.06
C VAL A 69 -12.02 3.08 -24.58
N THR A 70 -10.89 3.56 -25.08
CA THR A 70 -10.60 3.71 -26.53
C THR A 70 -9.17 3.29 -26.78
N CYS A 71 -8.85 3.16 -28.05
CA CYS A 71 -7.51 2.81 -28.50
C CYS A 71 -7.25 3.51 -29.81
N ASP A 72 -6.08 4.11 -29.90
CA ASP A 72 -5.59 4.78 -31.11
C ASP A 72 -4.55 3.87 -31.76
N THR A 73 -4.92 3.24 -32.87
CA THR A 73 -4.01 2.36 -33.63
C THR A 73 -2.72 3.11 -34.00
N SER A 74 -2.86 4.29 -34.60
CA SER A 74 -1.71 5.02 -35.18
C SER A 74 -0.62 5.25 -34.12
N THR A 75 -0.95 5.55 -32.86
CA THR A 75 0.05 5.90 -31.82
C THR A 75 0.25 4.69 -30.91
N ASN A 76 -0.45 3.59 -31.18
CA ASN A 76 -0.22 2.30 -30.50
C ASN A 76 -0.57 2.45 -29.00
N THR A 77 -1.54 3.31 -28.67
CA THR A 77 -1.87 3.74 -27.28
C THR A 77 -3.36 3.53 -26.98
N ALA A 78 -3.69 3.04 -25.79
CA ALA A 78 -5.07 2.81 -25.31
C ALA A 78 -5.29 3.84 -24.23
N PHE A 79 -6.55 4.20 -23.99
CA PHE A 79 -6.95 5.29 -23.08
C PHE A 79 -8.13 4.80 -22.25
N MET A 80 -8.15 5.19 -21.00
CA MET A 80 -9.31 4.99 -20.10
C MET A 80 -9.65 6.39 -19.59
N GLU A 81 -10.89 6.80 -19.85
CA GLU A 81 -11.46 8.04 -19.34
C GLU A 81 -12.46 7.70 -18.25
N LEU A 82 -12.33 8.34 -17.09
CA LEU A 82 -13.28 8.15 -15.97
C LEU A 82 -13.79 9.54 -15.56
N SER A 83 -15.10 9.72 -15.55
CA SER A 83 -15.74 11.03 -15.41
C SER A 83 -16.47 11.11 -14.07
N ARG A 84 -16.82 12.32 -13.63
CA ARG A 84 -17.57 12.53 -12.35
C ARG A 84 -16.81 11.86 -11.20
N LEU A 85 -15.53 12.18 -11.08
CA LEU A 85 -14.64 11.62 -10.04
C LEU A 85 -15.09 12.07 -8.65
N THR A 86 -14.92 11.19 -7.66
CA THR A 86 -14.97 11.48 -6.22
C THR A 86 -13.72 10.84 -5.62
N SER A 87 -13.45 11.12 -4.35
CA SER A 87 -12.33 10.51 -3.60
C SER A 87 -12.44 8.97 -3.57
N ASP A 88 -13.63 8.40 -3.81
CA ASP A 88 -13.83 6.94 -3.99
C ASP A 88 -13.04 6.44 -5.22
N ASP A 89 -12.60 7.33 -6.11
CA ASP A 89 -11.89 6.92 -7.35
C ASP A 89 -10.37 7.04 -7.17
N THR A 90 -9.91 7.48 -6.02
CA THR A 90 -8.45 7.61 -5.75
C THR A 90 -7.88 6.19 -5.80
N ALA A 91 -6.97 5.94 -6.74
CA ALA A 91 -6.43 4.60 -6.99
C ALA A 91 -5.24 4.67 -7.92
N LEU A 92 -4.50 3.58 -7.93
CA LEU A 92 -3.52 3.23 -8.95
C LEU A 92 -4.31 2.57 -10.10
N TYR A 93 -4.26 3.19 -11.27
CA TYR A 93 -4.97 2.73 -12.50
C TYR A 93 -4.00 1.98 -13.40
N TYR A 94 -4.12 0.65 -13.40
CA TYR A 94 -3.30 -0.24 -14.24
C TYR A 94 -3.99 -0.46 -15.57
N CYS A 95 -3.21 -0.43 -16.65
CA CYS A 95 -3.60 -1.18 -17.87
C CYS A 95 -2.81 -2.49 -17.92
N GLY A 96 -3.29 -3.43 -18.73
CA GLY A 96 -2.73 -4.77 -18.80
C GLY A 96 -3.00 -5.37 -20.14
N ARG A 97 -2.21 -6.33 -20.52
CA ARG A 97 -2.41 -7.05 -21.78
C ARG A 97 -2.81 -8.48 -21.39
N SER A 98 -3.90 -8.96 -21.97
CA SER A 98 -4.35 -10.37 -21.85
C SER A 98 -4.06 -11.10 -23.19
N GLY A 99 -4.90 -12.04 -23.62
CA GLY A 99 -4.62 -12.87 -24.81
C GLY A 99 -4.72 -12.09 -26.13
N ARG A 100 -4.36 -12.74 -27.23
CA ARG A 100 -4.53 -12.17 -28.57
C ARG A 100 -6.01 -12.00 -28.87
N THR A 101 -6.31 -11.02 -29.70
CA THR A 101 -7.68 -10.67 -30.08
C THR A 101 -8.27 -11.79 -30.93
N ASP A 102 -7.46 -12.73 -31.41
CA ASP A 102 -7.96 -13.89 -32.18
C ASP A 102 -7.80 -15.18 -31.36
N ALA A 103 -7.51 -15.12 -30.08
CA ALA A 103 -7.19 -16.32 -29.29
C ALA A 103 -8.32 -16.57 -28.28
N ARG A 104 -8.27 -17.72 -27.63
CA ARG A 104 -9.10 -18.06 -26.44
C ARG A 104 -8.96 -16.97 -25.38
N ARG A 105 -10.01 -16.74 -24.61
CA ARG A 105 -9.96 -15.74 -23.53
C ARG A 105 -8.81 -16.09 -22.57
N ALA A 106 -8.17 -15.06 -22.03
CA ALA A 106 -7.01 -15.25 -21.16
C ALA A 106 -7.03 -14.18 -20.07
N PRO A 107 -6.39 -14.42 -18.91
CA PRO A 107 -6.24 -13.34 -17.93
C PRO A 107 -5.12 -12.36 -18.31
N VAL A 108 -4.99 -11.27 -17.55
CA VAL A 108 -3.94 -10.24 -17.76
C VAL A 108 -2.59 -10.83 -17.36
N SER A 109 -1.64 -10.90 -18.30
CA SER A 109 -0.31 -11.51 -18.09
C SER A 109 0.78 -10.42 -18.00
N TYR A 110 0.61 -9.26 -18.63
CA TYR A 110 1.60 -8.14 -18.60
C TYR A 110 0.87 -6.91 -18.09
N TRP A 111 1.46 -6.22 -17.12
CA TRP A 111 0.85 -5.06 -16.43
C TRP A 111 1.75 -3.84 -16.69
N GLY A 112 1.11 -2.69 -16.93
CA GLY A 112 1.74 -1.38 -16.75
C GLY A 112 2.07 -1.17 -15.29
N GLN A 113 2.86 -0.14 -15.03
CA GLN A 113 3.32 0.32 -13.70
C GLN A 113 2.15 1.03 -12.97
N GLY A 114 1.06 1.41 -13.67
CA GLY A 114 -0.04 2.11 -12.99
C GLY A 114 0.17 3.61 -12.98
N ALA A 115 -0.94 4.35 -13.01
CA ALA A 115 -0.97 5.83 -12.92
C ALA A 115 -1.75 6.15 -11.66
N LEU A 116 -1.09 6.82 -10.72
CA LEU A 116 -1.79 7.19 -9.47
C LEU A 116 -2.72 8.37 -9.77
N VAL A 117 -4.01 8.16 -9.60
CA VAL A 117 -4.98 9.28 -9.70
C VAL A 117 -5.49 9.58 -8.30
N THR A 118 -5.23 10.81 -7.85
CA THR A 118 -5.69 11.28 -6.53
C THR A 118 -6.82 12.28 -6.73
N VAL A 119 -8.00 11.97 -6.19
CA VAL A 119 -9.21 12.82 -6.34
C VAL A 119 -9.42 13.51 -5.02
N SER A 120 -9.32 14.83 -5.02
CA SER A 120 -9.27 15.60 -3.76
C SER A 120 -9.56 17.06 -4.03
N SER A 121 -10.13 17.72 -3.04
CA SER A 121 -10.36 19.19 -3.02
C SER A 121 -9.09 19.86 -2.48
N ALA A 122 -7.88 19.06 -2.00
CA ALA A 122 -6.61 19.69 -1.57
C ALA A 122 -5.84 20.15 -2.82
N SER A 123 -4.91 21.08 -2.64
CA SER A 123 -3.98 21.50 -3.71
C SER A 123 -2.58 20.93 -3.44
N THR A 124 -1.83 20.74 -4.52
CA THR A 124 -0.44 20.21 -4.52
C THR A 124 0.38 21.08 -3.56
N LYS A 125 1.17 20.47 -2.70
CA LYS A 125 1.71 21.16 -1.50
C LYS A 125 2.83 20.31 -0.89
N GLY A 126 4.04 20.85 -0.79
CA GLY A 126 5.19 20.13 -0.24
C GLY A 126 5.09 20.08 1.28
N PRO A 127 5.81 19.15 1.94
CA PRO A 127 5.69 18.96 3.38
C PRO A 127 6.51 19.94 4.24
N SER A 128 6.10 20.05 5.51
CA SER A 128 6.92 20.49 6.64
C SER A 128 7.60 19.24 7.18
N VAL A 129 8.89 19.35 7.41
CA VAL A 129 9.72 18.26 7.95
C VAL A 129 10.15 18.68 9.35
N PHE A 130 9.71 17.94 10.36
CA PHE A 130 9.98 18.28 11.78
C PHE A 130 10.84 17.16 12.36
N PRO A 131 11.85 17.48 13.19
CA PRO A 131 12.66 16.44 13.82
C PRO A 131 11.85 15.68 14.88
N LEU A 132 12.15 14.41 15.01
CA LEU A 132 11.79 13.50 16.12
C LEU A 132 13.11 13.28 16.87
N ALA A 133 13.41 14.15 17.86
CA ALA A 133 14.68 14.17 18.64
C ALA A 133 14.89 12.85 19.39
N PRO A 134 16.13 12.30 19.39
CA PRO A 134 16.44 11.09 20.16
C PRO A 134 15.82 10.96 21.56
N GLY A 142 22.00 0.66 25.23
CA GLY A 142 22.03 2.00 24.63
C GLY A 142 21.70 1.92 23.14
N THR A 143 20.43 1.77 22.77
CA THR A 143 19.99 2.08 21.38
C THR A 143 18.98 3.22 21.47
N ALA A 144 19.12 4.18 20.56
CA ALA A 144 18.34 5.43 20.55
C ALA A 144 17.47 5.46 19.28
N ALA A 145 16.23 5.94 19.36
CA ALA A 145 15.36 6.11 18.17
C ALA A 145 15.31 7.59 17.82
N LEU A 146 15.44 7.92 16.55
CA LEU A 146 15.23 9.32 16.10
C LEU A 146 14.50 9.25 14.77
N GLY A 147 14.00 10.39 14.30
CA GLY A 147 13.21 10.42 13.08
C GLY A 147 12.92 11.82 12.57
N CYS A 148 12.09 11.83 11.54
CA CYS A 148 11.51 13.00 10.83
C CYS A 148 10.03 12.73 10.67
N LEU A 149 9.25 13.74 10.97
CA LEU A 149 7.80 13.77 10.72
C LEU A 149 7.62 14.66 9.49
N VAL A 150 7.06 14.07 8.46
CA VAL A 150 6.87 14.69 7.14
C VAL A 150 5.38 14.98 7.04
N LYS A 151 4.99 16.23 7.32
CA LYS A 151 3.58 16.52 7.65
C LYS A 151 3.00 17.47 6.59
N ASP A 152 1.74 17.24 6.21
CA ASP A 152 0.87 18.22 5.48
C ASP A 152 1.40 18.43 4.07
N TYR A 153 1.49 17.34 3.32
CA TYR A 153 1.84 17.40 1.89
C TYR A 153 0.70 16.78 1.09
N PHE A 154 0.66 17.11 -0.18
CA PHE A 154 -0.35 16.55 -1.09
C PHE A 154 0.18 16.65 -2.51
N PRO A 155 0.02 15.64 -3.37
CA PRO A 155 -0.47 14.32 -3.02
C PRO A 155 0.66 13.35 -2.62
N GLU A 156 0.37 12.07 -2.47
CA GLU A 156 1.43 11.05 -2.42
C GLU A 156 2.17 11.08 -3.76
N PRO A 157 3.40 10.54 -3.86
CA PRO A 157 4.19 10.06 -2.72
C PRO A 157 5.32 10.99 -2.25
N VAL A 158 5.97 10.66 -1.14
CA VAL A 158 7.24 11.31 -0.72
C VAL A 158 8.24 10.17 -0.53
N THR A 159 9.53 10.45 -0.72
CA THR A 159 10.59 9.46 -0.44
C THR A 159 11.42 10.07 0.67
N VAL A 160 11.87 9.21 1.58
CA VAL A 160 12.81 9.58 2.67
C VAL A 160 14.03 8.67 2.60
N SER A 161 15.21 9.27 2.68
CA SER A 161 16.50 8.57 2.94
C SER A 161 17.19 9.25 4.14
N TRP A 162 18.22 8.62 4.68
CA TRP A 162 19.03 9.16 5.79
C TRP A 162 20.48 9.32 5.33
N ASN A 163 21.15 10.42 5.68
CA ASN A 163 22.56 10.65 5.33
C ASN A 163 22.77 10.28 3.87
N SER A 164 21.88 10.77 3.01
CA SER A 164 21.89 10.62 1.54
C SER A 164 21.96 9.14 1.14
N GLY A 165 21.39 8.23 1.93
CA GLY A 165 21.36 6.79 1.59
C GLY A 165 22.56 6.05 2.19
N ALA A 166 23.45 6.71 2.92
CA ALA A 166 24.53 6.05 3.68
C ALA A 166 23.94 5.19 4.81
N LEU A 167 22.81 5.58 5.38
CA LEU A 167 22.24 4.95 6.59
C LEU A 167 20.92 4.25 6.21
N THR A 168 20.89 2.92 6.28
CA THR A 168 19.77 2.05 5.80
C THR A 168 19.34 1.09 6.92
N SER A 169 20.31 0.50 7.62
CA SER A 169 20.14 -0.37 8.81
C SER A 169 19.32 0.32 9.91
N GLY A 170 18.19 -0.28 10.31
CA GLY A 170 17.35 0.18 11.43
C GLY A 170 16.31 1.21 11.00
N VAL A 171 16.28 1.60 9.72
CA VAL A 171 15.35 2.65 9.20
C VAL A 171 13.96 2.04 9.04
N HIS A 172 12.91 2.68 9.57
CA HIS A 172 11.51 2.33 9.20
C HIS A 172 10.87 3.59 8.65
N THR A 173 10.44 3.59 7.39
CA THR A 173 9.66 4.69 6.80
C THR A 173 8.23 4.17 6.70
N PHE A 174 7.29 4.79 7.41
CA PHE A 174 5.92 4.28 7.60
C PHE A 174 5.04 4.68 6.42
N PRO A 175 4.02 3.87 6.06
CA PRO A 175 2.99 4.34 5.12
C PRO A 175 2.38 5.67 5.61
N ALA A 176 2.11 6.58 4.68
CA ALA A 176 1.42 7.86 4.91
C ALA A 176 0.01 7.60 5.43
N VAL A 177 -0.46 8.49 6.28
CA VAL A 177 -1.89 8.59 6.70
C VAL A 177 -2.48 9.82 6.01
N LEU A 178 -3.74 9.72 5.63
CA LEU A 178 -4.53 10.82 5.05
C LEU A 178 -5.21 11.49 6.24
N GLN A 179 -4.77 12.69 6.57
CA GLN A 179 -5.35 13.47 7.70
C GLN A 179 -6.74 13.97 7.29
N SER A 180 -7.55 14.39 8.27
CA SER A 180 -8.92 14.84 8.03
C SER A 180 -8.88 16.17 7.26
N SER A 181 -7.73 16.88 7.31
CA SER A 181 -7.46 18.08 6.47
C SER A 181 -7.39 17.73 4.97
N GLY A 182 -7.32 16.48 4.59
CA GLY A 182 -7.08 16.10 3.19
C GLY A 182 -5.60 16.13 2.83
N LEU A 183 -4.71 16.46 3.78
CA LEU A 183 -3.26 16.44 3.56
C LEU A 183 -2.67 15.18 4.20
N TYR A 184 -1.59 14.66 3.64
CA TYR A 184 -0.93 13.45 4.14
C TYR A 184 0.12 13.82 5.19
N SER A 185 0.44 12.81 6.00
CA SER A 185 1.55 12.88 6.97
C SER A 185 2.21 11.51 7.09
N LEU A 186 3.52 11.50 7.29
CA LEU A 186 4.34 10.27 7.29
C LEU A 186 5.45 10.48 8.30
N SER A 187 5.88 9.41 8.97
CA SER A 187 7.09 9.43 9.82
C SER A 187 8.17 8.50 9.24
N SER A 188 9.42 8.85 9.45
CA SER A 188 10.55 7.94 9.17
C SER A 188 11.44 7.95 10.39
N VAL A 189 11.76 6.76 10.91
CA VAL A 189 12.56 6.62 12.15
C VAL A 189 13.76 5.72 11.86
N VAL A 190 14.76 5.84 12.72
CA VAL A 190 15.94 4.97 12.69
C VAL A 190 16.39 4.82 14.14
N THR A 191 16.78 3.60 14.49
CA THR A 191 17.45 3.21 15.75
C THR A 191 18.96 3.20 15.50
N VAL A 192 19.71 3.85 16.38
CA VAL A 192 21.19 3.98 16.28
C VAL A 192 21.72 3.70 17.68
N PRO A 193 23.03 3.35 17.83
CA PRO A 193 23.69 3.37 19.14
C PRO A 193 23.61 4.74 19.81
N SER A 194 23.22 4.80 21.09
CA SER A 194 23.20 6.01 21.96
C SER A 194 24.56 6.70 21.95
N SER A 195 25.66 5.94 21.97
CA SER A 195 27.04 6.49 21.95
C SER A 195 27.26 7.29 20.65
N SER A 196 26.60 6.92 19.55
CA SER A 196 26.67 7.57 18.21
C SER A 196 26.16 9.02 18.26
N LEU A 197 25.35 9.38 19.24
CA LEU A 197 24.69 10.72 19.27
C LEU A 197 25.73 11.76 19.66
N GLY A 198 25.67 12.94 19.03
CA GLY A 198 26.69 13.97 19.29
C GLY A 198 28.07 13.59 18.77
N THR A 199 28.24 12.42 18.14
CA THR A 199 29.38 12.09 17.24
C THR A 199 28.89 12.01 15.78
N GLN A 200 27.78 11.32 15.52
CA GLN A 200 27.29 11.10 14.14
C GLN A 200 26.18 12.13 13.89
N THR A 201 26.20 12.78 12.72
CA THR A 201 25.10 13.69 12.27
C THR A 201 24.08 12.82 11.53
N TYR A 202 22.82 13.04 11.85
CA TYR A 202 21.66 12.38 11.22
C TYR A 202 20.85 13.46 10.50
N ILE A 203 20.69 13.28 9.22
CA ILE A 203 19.93 14.18 8.33
C ILE A 203 18.95 13.30 7.57
N CYS A 204 17.66 13.63 7.60
CA CYS A 204 16.72 12.91 6.74
C CYS A 204 16.57 13.75 5.47
N ASN A 205 16.57 13.06 4.33
CA ASN A 205 16.48 13.67 2.99
C ASN A 205 15.07 13.36 2.48
N VAL A 206 14.22 14.39 2.39
CA VAL A 206 12.81 14.25 1.95
C VAL A 206 12.66 14.80 0.53
N ASN A 207 12.10 14.00 -0.37
CA ASN A 207 11.75 14.43 -1.75
C ASN A 207 10.24 14.25 -1.98
N HIS A 208 9.55 15.36 -2.25
CA HIS A 208 8.16 15.41 -2.75
C HIS A 208 8.20 15.82 -4.24
N LYS A 209 8.39 14.83 -5.12
CA LYS A 209 8.48 15.06 -6.58
C LYS A 209 7.31 15.95 -7.01
N PRO A 210 6.04 15.58 -6.68
CA PRO A 210 4.86 16.35 -7.10
C PRO A 210 4.88 17.84 -6.86
N SER A 211 5.58 18.35 -5.85
CA SER A 211 5.71 19.81 -5.64
C SER A 211 7.14 20.28 -5.94
N ASN A 212 7.97 19.47 -6.62
CA ASN A 212 9.44 19.77 -6.73
C ASN A 212 9.96 20.32 -5.39
N THR A 213 9.76 19.60 -4.29
CA THR A 213 10.30 19.97 -2.95
C THR A 213 11.28 18.89 -2.47
N LYS A 214 12.50 19.33 -2.14
CA LYS A 214 13.55 18.55 -1.43
C LYS A 214 13.84 19.27 -0.11
N VAL A 215 13.71 18.59 1.02
CA VAL A 215 14.15 19.12 2.35
C VAL A 215 15.19 18.17 2.93
N ASP A 216 16.32 18.69 3.37
CA ASP A 216 17.31 17.96 4.20
C ASP A 216 17.13 18.47 5.63
N LYS A 217 16.71 17.62 6.58
CA LYS A 217 16.49 18.09 7.97
C LYS A 217 17.46 17.39 8.92
N ARG A 218 18.32 18.15 9.58
CA ARG A 218 19.27 17.63 10.59
C ARG A 218 18.49 17.33 11.88
N VAL A 219 18.68 16.17 12.49
CA VAL A 219 18.01 15.80 13.79
C VAL A 219 19.08 15.80 14.88
N GLU A 220 19.00 16.73 15.82
CA GLU A 220 19.93 16.91 16.96
C GLU A 220 19.36 16.24 18.20
N PRO A 221 20.19 15.75 19.15
CA PRO A 221 19.72 15.38 20.50
C PRO A 221 18.99 16.52 21.22
N GLU B 1 -23.04 -10.23 -10.84
CA GLU B 1 -21.66 -10.23 -10.36
C GLU B 1 -21.41 -11.59 -9.71
N ILE B 2 -20.41 -12.33 -10.18
CA ILE B 2 -19.78 -13.45 -9.42
C ILE B 2 -18.90 -12.86 -8.30
N VAL B 3 -19.24 -13.18 -7.06
CA VAL B 3 -18.49 -12.78 -5.84
C VAL B 3 -17.54 -13.93 -5.51
N LEU B 4 -16.25 -13.62 -5.41
CA LEU B 4 -15.22 -14.58 -4.96
C LEU B 4 -14.83 -14.28 -3.52
N THR B 5 -14.96 -15.29 -2.65
CA THR B 5 -14.63 -15.25 -1.22
C THR B 5 -13.36 -16.09 -1.02
N GLN B 6 -12.27 -15.45 -0.65
CA GLN B 6 -11.00 -16.14 -0.35
C GLN B 6 -10.90 -16.35 1.15
N SER B 7 -10.31 -17.46 1.57
CA SER B 7 -10.03 -17.74 2.98
C SER B 7 -8.77 -18.58 3.06
N PRO B 8 -8.02 -18.45 4.17
CA PRO B 8 -8.32 -17.42 5.16
C PRO B 8 -7.90 -16.03 4.67
N GLY B 9 -8.22 -15.00 5.44
CA GLY B 9 -7.75 -13.62 5.23
C GLY B 9 -6.25 -13.57 5.39
N THR B 10 -5.74 -14.32 6.37
CA THR B 10 -4.29 -14.33 6.72
C THR B 10 -3.86 -15.74 7.10
N LEU B 11 -2.71 -16.12 6.59
CA LEU B 11 -2.10 -17.44 6.77
C LEU B 11 -0.69 -17.15 7.26
N SER B 12 -0.32 -17.60 8.45
CA SER B 12 1.01 -17.33 9.03
C SER B 12 1.74 -18.65 9.03
N LEU B 13 2.77 -18.80 8.24
CA LEU B 13 3.47 -20.10 8.11
C LEU B 13 4.98 -19.88 8.09
N SER B 14 5.69 -20.96 8.38
CA SER B 14 7.15 -21.10 8.29
C SER B 14 7.52 -21.30 6.84
N PRO B 15 8.62 -20.66 6.39
CA PRO B 15 9.21 -21.06 5.11
C PRO B 15 9.39 -22.58 5.21
N GLY B 16 9.23 -23.29 4.10
CA GLY B 16 9.33 -24.75 4.03
C GLY B 16 7.97 -25.42 4.17
N ALA B 17 6.99 -24.74 4.75
CA ALA B 17 5.63 -25.27 4.96
C ALA B 17 4.80 -25.27 3.66
N ARG B 18 3.77 -26.10 3.64
CA ARG B 18 2.74 -26.16 2.59
C ARG B 18 1.71 -25.07 2.92
N ALA B 19 1.21 -24.35 1.91
CA ALA B 19 0.12 -23.35 2.06
C ALA B 19 -1.04 -23.78 1.17
N THR B 20 -2.25 -23.83 1.70
CA THR B 20 -3.50 -24.02 0.91
C THR B 20 -4.36 -22.77 1.04
N LEU B 21 -4.65 -22.16 -0.10
CA LEU B 21 -5.50 -20.96 -0.22
C LEU B 21 -6.79 -21.37 -0.93
N SER B 22 -7.95 -20.93 -0.43
CA SER B 22 -9.28 -21.26 -1.02
C SER B 22 -9.90 -20.03 -1.62
N CYS B 23 -10.60 -20.25 -2.71
CA CYS B 23 -11.42 -19.25 -3.41
C CYS B 23 -12.76 -19.90 -3.71
N ARG B 24 -13.85 -19.43 -3.09
CA ARG B 24 -15.23 -19.91 -3.39
C ARG B 24 -15.96 -18.86 -4.21
N ALA B 25 -16.55 -19.27 -5.32
CA ALA B 25 -17.38 -18.41 -6.19
C ALA B 25 -18.82 -18.48 -5.71
N SER B 26 -19.57 -17.40 -5.86
CA SER B 26 -21.02 -17.34 -5.53
C SER B 26 -21.84 -18.13 -6.55
N GLN B 27 -21.29 -18.46 -7.72
CA GLN B 27 -21.92 -19.34 -8.72
C GLN B 27 -20.83 -20.00 -9.57
N THR B 28 -21.22 -21.00 -10.36
CA THR B 28 -20.33 -21.73 -11.29
C THR B 28 -19.52 -20.71 -12.10
N VAL B 29 -18.21 -20.87 -12.08
CA VAL B 29 -17.28 -20.20 -13.02
C VAL B 29 -17.18 -21.04 -14.28
N ARG B 30 -17.99 -20.74 -15.29
CA ARG B 30 -18.05 -21.52 -16.54
C ARG B 30 -16.65 -21.57 -17.18
N GLY B 31 -16.29 -22.71 -17.76
CA GLY B 31 -14.99 -22.98 -18.41
C GLY B 31 -13.85 -23.04 -17.41
N ASN B 32 -14.09 -22.92 -16.09
CA ASN B 32 -12.98 -22.84 -15.10
C ASN B 32 -12.01 -21.71 -15.43
N TYR B 33 -12.51 -20.58 -15.91
CA TYR B 33 -11.71 -19.37 -16.20
C TYR B 33 -11.46 -18.63 -14.88
N LEU B 34 -10.58 -19.23 -14.10
CA LEU B 34 -10.20 -18.78 -12.74
C LEU B 34 -8.69 -18.64 -12.76
N ALA B 35 -8.21 -17.45 -12.42
CA ALA B 35 -6.77 -17.13 -12.38
C ALA B 35 -6.34 -16.81 -10.94
N TRP B 36 -5.08 -17.06 -10.64
CA TRP B 36 -4.42 -16.67 -9.38
C TRP B 36 -3.28 -15.69 -9.68
N PHE B 37 -3.21 -14.65 -8.88
CA PHE B 37 -2.18 -13.61 -8.94
C PHE B 37 -1.48 -13.52 -7.59
N GLN B 38 -0.21 -13.18 -7.62
CA GLN B 38 0.61 -12.81 -6.44
C GLN B 38 0.89 -11.32 -6.49
N GLN B 39 0.82 -10.64 -5.36
CA GLN B 39 1.23 -9.21 -5.27
C GLN B 39 2.10 -8.94 -4.02
N LYS B 40 3.21 -8.27 -4.23
CA LYS B 40 4.25 -7.98 -3.23
C LYS B 40 4.53 -6.51 -3.31
N ARG B 41 4.84 -5.89 -2.18
CA ARG B 41 5.48 -4.55 -2.14
C ARG B 41 4.54 -3.56 -2.81
N GLY B 42 5.03 -2.81 -3.77
CA GLY B 42 4.14 -1.87 -4.46
C GLY B 42 4.09 -2.22 -5.94
N GLN B 43 4.15 -3.51 -6.26
CA GLN B 43 4.30 -4.00 -7.65
C GLN B 43 2.92 -4.35 -8.18
N PRO B 44 2.74 -4.34 -9.51
CA PRO B 44 1.56 -4.91 -10.13
C PRO B 44 1.37 -6.38 -9.76
N PRO B 45 0.13 -6.90 -9.86
CA PRO B 45 -0.11 -8.33 -9.72
C PRO B 45 0.70 -9.12 -10.75
N ARG B 46 1.13 -10.32 -10.37
CA ARG B 46 1.88 -11.30 -11.19
C ARG B 46 0.98 -12.53 -11.37
N LEU B 47 0.73 -12.91 -12.63
CA LEU B 47 -0.13 -14.09 -12.94
C LEU B 47 0.63 -15.36 -12.57
N LEU B 48 0.00 -16.24 -11.81
CA LEU B 48 0.56 -17.56 -11.42
C LEU B 48 -0.14 -18.66 -12.18
N ILE B 49 -1.47 -18.64 -12.16
CA ILE B 49 -2.34 -19.74 -12.63
C ILE B 49 -3.42 -19.16 -13.57
N TYR B 50 -3.67 -19.83 -14.71
CA TYR B 50 -4.85 -19.56 -15.57
C TYR B 50 -5.63 -20.86 -15.80
N LEU B 51 -6.90 -20.70 -16.19
CA LEU B 51 -7.78 -21.87 -16.39
C LEU B 51 -7.72 -22.78 -15.15
N ALA B 52 -7.63 -22.19 -13.95
CA ALA B 52 -7.76 -22.88 -12.65
C ALA B 52 -6.53 -23.75 -12.28
N SER B 53 -5.89 -24.43 -13.25
CA SER B 53 -4.82 -25.43 -12.98
C SER B 53 -3.57 -25.24 -13.84
N ASN B 54 -3.47 -24.24 -14.72
CA ASN B 54 -2.30 -24.11 -15.64
C ASN B 54 -1.35 -23.04 -15.11
N ARG B 55 -0.10 -23.41 -14.90
CA ARG B 55 0.98 -22.49 -14.45
C ARG B 55 1.34 -21.56 -15.59
N ALA B 56 1.35 -20.27 -15.31
CA ALA B 56 1.79 -19.26 -16.29
C ALA B 56 3.28 -19.45 -16.57
N THR B 57 3.75 -18.80 -17.61
CA THR B 57 5.14 -18.94 -18.10
C THR B 57 6.12 -18.48 -17.00
N GLY B 58 7.19 -19.24 -16.77
CA GLY B 58 8.22 -18.95 -15.75
C GLY B 58 7.70 -18.95 -14.32
N ILE B 59 6.57 -19.60 -14.03
CA ILE B 59 6.08 -19.77 -12.62
C ILE B 59 6.60 -21.11 -12.10
N PRO B 60 7.30 -21.16 -10.95
CA PRO B 60 7.88 -22.42 -10.48
C PRO B 60 6.82 -23.48 -10.14
N ASP B 61 7.17 -24.76 -10.30
CA ASP B 61 6.20 -25.88 -10.13
C ASP B 61 5.76 -26.03 -8.66
N ARG B 62 6.39 -25.39 -7.68
CA ARG B 62 5.82 -25.44 -6.31
C ARG B 62 4.39 -24.83 -6.29
N PHE B 63 4.02 -24.00 -7.26
CA PHE B 63 2.65 -23.42 -7.34
C PHE B 63 1.73 -24.39 -8.10
N SER B 64 0.53 -24.60 -7.56
CA SER B 64 -0.47 -25.58 -8.04
C SER B 64 -1.89 -25.03 -7.87
N GLY B 65 -2.62 -24.87 -8.97
CA GLY B 65 -4.06 -24.55 -8.92
C GLY B 65 -4.87 -25.82 -9.10
N SER B 66 -5.98 -25.98 -8.39
CA SER B 66 -6.97 -27.04 -8.69
C SER B 66 -8.41 -26.58 -8.37
N GLY B 67 -9.36 -27.48 -8.57
CA GLY B 67 -10.81 -27.22 -8.39
C GLY B 67 -11.50 -26.84 -9.68
N SER B 68 -12.82 -26.70 -9.60
CA SER B 68 -13.76 -26.39 -10.69
C SER B 68 -15.07 -25.97 -10.04
N GLY B 69 -16.03 -25.45 -10.81
CA GLY B 69 -17.37 -25.10 -10.32
C GLY B 69 -17.29 -23.84 -9.48
N THR B 70 -17.48 -23.97 -8.17
CA THR B 70 -17.50 -22.83 -7.23
C THR B 70 -16.35 -22.95 -6.21
N ASP B 71 -15.45 -23.92 -6.40
CA ASP B 71 -14.50 -24.30 -5.33
C ASP B 71 -13.07 -24.44 -5.85
N PHE B 72 -12.21 -23.47 -5.56
CA PHE B 72 -10.85 -23.43 -6.17
C PHE B 72 -9.78 -23.33 -5.09
N THR B 73 -8.61 -23.88 -5.36
CA THR B 73 -7.47 -23.97 -4.42
C THR B 73 -6.16 -23.62 -5.13
N LEU B 74 -5.39 -22.74 -4.51
CA LEU B 74 -3.97 -22.51 -4.80
C LEU B 74 -3.19 -23.19 -3.68
N THR B 75 -2.36 -24.15 -4.06
CA THR B 75 -1.44 -24.79 -3.11
C THR B 75 -0.03 -24.34 -3.46
N ILE B 76 0.72 -23.92 -2.44
CA ILE B 76 2.19 -23.75 -2.52
C ILE B 76 2.85 -24.86 -1.70
N SER B 77 3.45 -25.82 -2.39
CA SER B 77 3.85 -27.10 -1.76
C SER B 77 4.99 -26.88 -0.76
N ARG B 78 5.89 -25.92 -1.00
CA ARG B 78 7.02 -25.60 -0.09
C ARG B 78 7.29 -24.09 -0.13
N LEU B 79 6.94 -23.35 0.93
CA LEU B 79 7.00 -21.86 0.95
C LEU B 79 8.45 -21.41 0.97
N GLU B 80 8.90 -20.74 -0.08
CA GLU B 80 10.19 -19.99 -0.14
C GLU B 80 9.92 -18.57 0.35
N PRO B 81 10.96 -17.86 0.84
CA PRO B 81 10.73 -16.58 1.54
C PRO B 81 10.11 -15.52 0.59
N GLU B 82 10.33 -15.65 -0.71
CA GLU B 82 9.71 -14.79 -1.75
C GLU B 82 8.22 -15.11 -1.99
N ASP B 83 7.63 -16.12 -1.33
CA ASP B 83 6.21 -16.50 -1.58
C ASP B 83 5.32 -15.80 -0.56
N PHE B 84 5.91 -15.19 0.48
CA PHE B 84 5.13 -14.42 1.49
C PHE B 84 4.70 -13.11 0.83
N ALA B 85 3.40 -12.99 0.58
CA ALA B 85 2.83 -11.98 -0.32
C ALA B 85 1.32 -12.08 -0.22
N VAL B 86 0.59 -11.23 -0.95
CA VAL B 86 -0.89 -11.33 -1.07
C VAL B 86 -1.23 -12.11 -2.35
N TYR B 87 -2.22 -12.98 -2.28
CA TYR B 87 -2.68 -13.84 -3.40
C TYR B 87 -4.14 -13.49 -3.70
N TYR B 88 -4.42 -13.08 -4.93
CA TYR B 88 -5.82 -12.84 -5.39
C TYR B 88 -6.24 -13.92 -6.36
N CYS B 89 -7.44 -14.47 -6.22
CA CYS B 89 -8.10 -15.22 -7.32
C CYS B 89 -8.92 -14.22 -8.16
N GLN B 90 -9.24 -14.56 -9.39
CA GLN B 90 -10.06 -13.73 -10.30
C GLN B 90 -10.72 -14.66 -11.30
N GLN B 91 -12.02 -14.47 -11.53
CA GLN B 91 -12.71 -15.15 -12.65
C GLN B 91 -12.66 -14.14 -13.81
N TYR B 92 -12.37 -14.60 -15.01
CA TYR B 92 -12.13 -13.76 -16.19
C TYR B 92 -13.03 -14.22 -17.34
N VAL B 93 -14.20 -14.81 -17.03
CA VAL B 93 -15.19 -15.29 -18.04
C VAL B 93 -16.44 -14.42 -18.00
N ASN B 94 -16.89 -13.99 -16.82
CA ASN B 94 -18.20 -13.31 -16.65
C ASN B 94 -17.93 -11.82 -16.35
N THR B 95 -18.61 -10.90 -17.04
CA THR B 95 -18.47 -9.45 -16.81
C THR B 95 -19.33 -9.08 -15.60
N PRO B 96 -18.82 -8.40 -14.55
CA PRO B 96 -17.42 -7.93 -14.48
C PRO B 96 -16.45 -9.01 -13.95
N GLU B 97 -15.23 -9.00 -14.48
CA GLU B 97 -14.19 -10.04 -14.25
C GLU B 97 -13.60 -9.88 -12.84
N THR B 98 -14.34 -10.30 -11.82
CA THR B 98 -14.13 -10.02 -10.37
C THR B 98 -12.92 -10.75 -9.79
N PHE B 99 -12.26 -10.06 -8.88
CA PHE B 99 -11.16 -10.53 -8.01
C PHE B 99 -11.75 -10.90 -6.67
N GLY B 100 -11.14 -11.85 -5.96
CA GLY B 100 -11.35 -12.00 -4.51
C GLY B 100 -10.70 -10.86 -3.73
N GLN B 101 -10.89 -10.85 -2.42
CA GLN B 101 -10.36 -9.80 -1.52
C GLN B 101 -8.92 -10.10 -1.12
N GLY B 102 -8.38 -11.27 -1.40
CA GLY B 102 -6.96 -11.54 -1.15
C GLY B 102 -6.75 -12.33 0.14
N THR B 103 -5.82 -13.25 0.09
CA THR B 103 -5.24 -13.94 1.25
C THR B 103 -3.81 -13.42 1.40
N ARG B 104 -3.47 -12.91 2.59
CA ARG B 104 -2.08 -12.50 2.95
C ARG B 104 -1.36 -13.70 3.55
N VAL B 105 -0.22 -14.07 3.00
CA VAL B 105 0.61 -15.15 3.57
C VAL B 105 1.83 -14.48 4.20
N GLU B 106 1.99 -14.56 5.51
CA GLU B 106 3.04 -13.84 6.29
C GLU B 106 3.88 -14.86 7.06
N ILE B 107 5.15 -14.52 7.35
CA ILE B 107 6.08 -15.45 8.05
C ILE B 107 5.65 -15.54 9.51
N LYS B 108 5.40 -16.78 9.96
CA LYS B 108 5.23 -17.16 11.38
C LYS B 108 6.61 -17.13 12.08
N ARG B 109 6.75 -16.35 13.14
CA ARG B 109 7.99 -16.30 13.98
C ARG B 109 7.55 -16.26 15.45
N THR B 110 8.47 -16.33 16.40
CA THR B 110 8.14 -16.29 17.84
C THR B 110 7.65 -14.88 18.15
N VAL B 111 6.92 -14.75 19.25
CA VAL B 111 6.34 -13.47 19.74
C VAL B 111 7.47 -12.50 20.07
N ALA B 112 7.41 -11.25 19.63
CA ALA B 112 8.42 -10.24 20.05
C ALA B 112 7.69 -9.00 20.51
N ALA B 113 7.97 -8.56 21.73
CA ALA B 113 7.35 -7.38 22.35
C ALA B 113 7.81 -6.15 21.57
N PRO B 114 6.96 -5.13 21.37
CA PRO B 114 7.46 -3.88 20.80
C PRO B 114 8.38 -3.14 21.76
N SER B 115 9.40 -2.46 21.23
CA SER B 115 10.14 -1.39 21.95
C SER B 115 9.41 -0.09 21.64
N VAL B 116 9.00 0.61 22.69
CA VAL B 116 8.14 1.81 22.60
C VAL B 116 8.98 3.05 22.86
N PHE B 117 8.82 4.07 22.05
CA PHE B 117 9.47 5.40 22.16
C PHE B 117 8.42 6.47 21.90
N ILE B 118 8.50 7.56 22.66
CA ILE B 118 7.54 8.69 22.51
C ILE B 118 8.34 9.93 22.16
N PHE B 119 7.83 10.72 21.23
CA PHE B 119 8.49 11.94 20.71
C PHE B 119 7.57 13.13 20.98
N PRO B 120 8.04 14.10 21.80
CA PRO B 120 7.31 15.36 21.96
C PRO B 120 7.29 16.14 20.65
N PRO B 121 6.41 17.13 20.47
CA PRO B 121 6.50 17.98 19.30
C PRO B 121 7.81 18.77 19.29
N SER B 122 8.31 19.13 18.11
CA SER B 122 9.49 20.03 17.94
C SER B 122 9.10 21.49 18.22
N ASP B 123 10.09 22.32 18.59
CA ASP B 123 9.86 23.76 18.74
C ASP B 123 9.52 24.34 17.37
N GLU B 124 10.08 23.78 16.29
CA GLU B 124 9.80 24.26 14.92
C GLU B 124 8.28 24.15 14.70
N GLN B 125 7.68 23.00 15.01
CA GLN B 125 6.23 22.78 14.85
C GLN B 125 5.42 23.67 15.82
N LEU B 126 5.85 23.82 17.06
CA LEU B 126 5.06 24.62 18.04
C LEU B 126 4.99 26.08 17.61
N LYS B 127 6.02 26.57 16.92
CA LYS B 127 6.08 27.96 16.37
C LYS B 127 4.90 28.18 15.43
N SER B 128 4.40 27.15 14.76
CA SER B 128 3.28 27.23 13.81
C SER B 128 1.92 26.89 14.46
N GLY B 129 1.86 26.66 15.76
CA GLY B 129 0.58 26.49 16.49
C GLY B 129 -0.05 25.10 16.39
N THR B 130 0.70 24.05 16.08
CA THR B 130 0.19 22.67 16.28
C THR B 130 1.25 21.82 16.95
N ALA B 131 0.81 20.80 17.67
CA ALA B 131 1.63 19.83 18.42
C ALA B 131 1.31 18.44 17.89
N SER B 132 2.27 17.81 17.22
CA SER B 132 2.17 16.39 16.86
C SER B 132 3.06 15.64 17.84
N VAL B 133 2.46 14.68 18.56
CA VAL B 133 3.17 13.74 19.46
C VAL B 133 3.18 12.38 18.77
N VAL B 134 4.33 11.74 18.69
CA VAL B 134 4.49 10.47 17.94
C VAL B 134 4.87 9.35 18.90
N CYS B 135 4.22 8.20 18.76
CA CYS B 135 4.55 6.97 19.49
C CYS B 135 5.05 5.93 18.48
N LEU B 136 6.25 5.40 18.69
CA LEU B 136 6.88 4.34 17.85
C LEU B 136 6.83 3.01 18.61
N LEU B 137 6.26 1.99 18.00
CA LEU B 137 6.33 0.59 18.45
C LEU B 137 7.22 -0.14 17.47
N ASN B 138 8.41 -0.53 17.93
CA ASN B 138 9.47 -0.98 17.01
C ASN B 138 9.66 -2.48 17.18
N ASN B 139 9.56 -3.18 16.06
CA ASN B 139 10.13 -4.53 15.81
C ASN B 139 9.37 -5.53 16.67
N PHE B 140 8.08 -5.65 16.44
CA PHE B 140 7.20 -6.54 17.24
C PHE B 140 6.58 -7.60 16.34
N TYR B 141 6.12 -8.70 16.94
CA TYR B 141 5.35 -9.78 16.29
C TYR B 141 4.49 -10.48 17.32
N PRO B 142 3.21 -10.78 17.05
CA PRO B 142 2.57 -10.55 15.74
C PRO B 142 2.10 -9.12 15.51
N ARG B 143 1.43 -8.91 14.38
CA ARG B 143 1.09 -7.57 13.83
C ARG B 143 0.08 -6.84 14.72
N GLU B 144 -0.81 -7.61 15.35
CA GLU B 144 -1.93 -7.12 16.20
C GLU B 144 -1.32 -6.30 17.36
N ALA B 145 -1.59 -5.02 17.43
CA ALA B 145 -1.13 -4.17 18.55
C ALA B 145 -2.16 -3.08 18.76
N LYS B 146 -2.21 -2.49 19.96
CA LYS B 146 -3.16 -1.42 20.27
C LYS B 146 -2.37 -0.28 20.91
N VAL B 147 -2.57 0.94 20.44
CA VAL B 147 -2.07 2.19 21.07
C VAL B 147 -3.25 2.95 21.64
N GLN B 148 -3.13 3.40 22.88
CA GLN B 148 -4.11 4.30 23.53
C GLN B 148 -3.31 5.55 23.92
N TRP B 149 -3.70 6.70 23.40
CA TRP B 149 -3.14 7.98 23.86
C TRP B 149 -3.87 8.46 25.13
N LYS B 150 -3.09 9.01 26.07
CA LYS B 150 -3.57 9.72 27.27
C LYS B 150 -2.86 11.07 27.45
N VAL B 151 -3.65 12.06 27.89
CA VAL B 151 -3.22 13.44 28.23
C VAL B 151 -3.73 13.71 29.67
N ASP B 152 -2.82 13.93 30.61
CA ASP B 152 -3.07 13.91 32.08
C ASP B 152 -4.02 12.75 32.46
N ASN B 153 -3.74 11.55 31.93
CA ASN B 153 -4.44 10.28 32.25
C ASN B 153 -5.86 10.24 31.66
N ALA B 154 -6.29 11.28 30.94
CA ALA B 154 -7.55 11.26 30.15
C ALA B 154 -7.30 10.52 28.84
N LEU B 155 -8.12 9.50 28.55
CA LEU B 155 -8.10 8.70 27.29
C LEU B 155 -8.43 9.61 26.12
N GLN B 156 -7.63 9.56 25.07
CA GLN B 156 -7.89 10.31 23.83
C GLN B 156 -8.64 9.39 22.88
N SER B 157 -9.21 9.95 21.84
CA SER B 157 -10.17 9.27 20.93
C SER B 157 -10.50 10.25 19.78
N GLY B 158 -10.20 9.90 18.54
CA GLY B 158 -10.60 10.70 17.36
C GLY B 158 -9.52 11.69 16.90
N ASN B 159 -8.37 11.80 17.59
CA ASN B 159 -7.32 12.82 17.30
C ASN B 159 -5.97 12.12 17.04
N SER B 160 -5.96 10.83 16.70
CA SER B 160 -4.70 10.13 16.35
C SER B 160 -4.84 9.29 15.08
N GLN B 161 -3.75 9.10 14.38
CA GLN B 161 -3.70 8.15 13.24
C GLN B 161 -2.44 7.31 13.40
N GLU B 162 -2.47 6.13 12.81
CA GLU B 162 -1.32 5.19 12.89
C GLU B 162 -1.15 4.49 11.53
N SER B 163 0.02 3.98 11.27
CA SER B 163 0.30 3.10 10.11
C SER B 163 1.33 2.06 10.53
N VAL B 164 1.35 0.94 9.83
CA VAL B 164 2.16 -0.26 10.20
C VAL B 164 3.07 -0.59 9.02
N THR B 165 4.34 -0.92 9.24
CA THR B 165 5.25 -1.28 8.12
C THR B 165 4.89 -2.69 7.65
N GLU B 166 5.43 -3.06 6.49
CA GLU B 166 5.43 -4.47 6.01
C GLU B 166 6.36 -5.28 6.92
N GLN B 167 6.14 -6.58 6.92
CA GLN B 167 6.97 -7.57 7.62
C GLN B 167 8.42 -7.36 7.20
N ASP B 168 9.31 -7.15 8.15
CA ASP B 168 10.72 -6.87 7.90
C ASP B 168 11.36 -8.13 7.27
N SER B 169 12.17 -7.99 6.23
CA SER B 169 12.67 -9.14 5.46
C SER B 169 13.81 -9.81 6.25
N LYS B 170 14.49 -9.08 7.15
CA LYS B 170 15.56 -9.64 8.00
C LYS B 170 14.99 -10.34 9.26
N ASP B 171 14.07 -9.74 10.04
CA ASP B 171 13.64 -10.36 11.33
C ASP B 171 12.15 -10.73 11.34
N SER B 172 11.41 -10.48 10.26
CA SER B 172 9.95 -10.82 10.14
C SER B 172 9.11 -10.10 11.21
N THR B 173 9.53 -8.90 11.65
CA THR B 173 8.74 -8.10 12.59
C THR B 173 8.00 -6.99 11.84
N TYR B 174 7.04 -6.41 12.54
CA TYR B 174 6.35 -5.16 12.21
C TYR B 174 6.79 -4.04 13.17
N SER B 175 6.54 -2.82 12.72
CA SER B 175 6.65 -1.58 13.50
C SER B 175 5.40 -0.74 13.19
N LEU B 176 5.02 0.12 14.14
CA LEU B 176 3.81 0.94 14.08
C LEU B 176 4.19 2.35 14.56
N SER B 177 3.70 3.37 13.88
CA SER B 177 3.85 4.80 14.25
C SER B 177 2.46 5.33 14.45
N SER B 178 2.20 5.90 15.62
CA SER B 178 0.96 6.62 15.94
C SER B 178 1.27 8.11 16.17
N THR B 179 0.47 8.99 15.59
CA THR B 179 0.57 10.46 15.79
C THR B 179 -0.70 10.97 16.45
N LEU B 180 -0.55 11.65 17.59
CA LEU B 180 -1.58 12.48 18.24
C LEU B 180 -1.37 13.93 17.80
N THR B 181 -2.38 14.55 17.20
CA THR B 181 -2.31 15.96 16.76
C THR B 181 -3.27 16.81 17.61
N LEU B 182 -2.72 17.84 18.24
CA LEU B 182 -3.46 18.88 18.98
C LEU B 182 -3.02 20.25 18.51
N SER B 183 -3.89 21.24 18.65
CA SER B 183 -3.54 22.68 18.58
C SER B 183 -2.49 22.97 19.67
N LYS B 184 -1.58 23.90 19.39
CA LYS B 184 -0.63 24.39 20.41
C LYS B 184 -1.46 24.84 21.63
N ALA B 185 -2.59 25.54 21.43
CA ALA B 185 -3.50 26.01 22.52
C ALA B 185 -3.89 24.84 23.43
N ASP B 186 -4.33 23.69 22.88
CA ASP B 186 -4.79 22.52 23.69
C ASP B 186 -3.61 21.82 24.35
N TYR B 187 -2.52 21.66 23.61
CA TYR B 187 -1.24 21.08 24.11
C TYR B 187 -0.77 21.82 25.36
N GLU B 188 -0.81 23.16 25.35
CA GLU B 188 -0.25 23.99 26.45
C GLU B 188 -1.15 23.87 27.69
N LYS B 189 -2.36 23.31 27.58
CA LYS B 189 -3.30 23.12 28.72
C LYS B 189 -2.95 21.90 29.58
N HIS B 190 -2.04 21.02 29.17
CA HIS B 190 -1.84 19.73 29.88
C HIS B 190 -0.36 19.46 30.07
N LYS B 191 -0.02 18.57 31.00
CA LYS B 191 1.39 18.30 31.37
C LYS B 191 1.85 16.96 30.81
N VAL B 192 1.08 15.90 31.05
CA VAL B 192 1.58 14.50 30.89
C VAL B 192 0.96 13.93 29.62
N TYR B 193 1.83 13.61 28.67
CA TYR B 193 1.52 13.00 27.35
C TYR B 193 2.08 11.59 27.37
N ALA B 194 1.22 10.59 27.16
CA ALA B 194 1.55 9.15 27.32
C ALA B 194 0.88 8.32 26.21
N CYS B 195 1.61 7.37 25.64
CA CYS B 195 1.01 6.30 24.79
C CYS B 195 1.17 4.95 25.51
N GLU B 196 0.04 4.28 25.61
CA GLU B 196 -0.18 2.98 26.26
C GLU B 196 -0.31 1.95 25.16
N VAL B 197 0.51 0.91 25.24
CA VAL B 197 0.66 -0.10 24.18
C VAL B 197 0.25 -1.46 24.74
N THR B 198 -0.70 -2.09 24.08
CA THR B 198 -1.14 -3.48 24.32
C THR B 198 -0.61 -4.34 23.19
N HIS B 199 0.00 -5.47 23.56
CA HIS B 199 0.59 -6.44 22.63
C HIS B 199 0.75 -7.77 23.36
N GLN B 200 0.56 -8.87 22.61
CA GLN B 200 0.66 -10.28 23.09
C GLN B 200 2.01 -10.50 23.80
N GLY B 201 3.07 -9.80 23.40
CA GLY B 201 4.41 -9.92 24.03
C GLY B 201 4.57 -9.12 25.32
N LEU B 202 3.58 -8.31 25.70
CA LEU B 202 3.63 -7.52 26.95
C LEU B 202 2.71 -8.23 27.95
N SER B 203 3.16 -8.43 29.16
CA SER B 203 2.41 -9.09 30.27
C SER B 203 1.20 -8.22 30.63
N SER B 204 1.38 -6.92 30.50
CA SER B 204 0.37 -5.86 30.71
C SER B 204 0.73 -4.75 29.76
N PRO B 205 -0.21 -3.84 29.46
CA PRO B 205 0.08 -2.72 28.59
C PRO B 205 1.18 -1.88 29.24
N VAL B 206 2.11 -1.43 28.42
CA VAL B 206 3.25 -0.55 28.80
C VAL B 206 2.91 0.87 28.37
N THR B 207 3.27 1.85 29.17
CA THR B 207 3.01 3.30 28.90
C THR B 207 4.34 4.02 28.79
N LYS B 208 4.51 4.88 27.79
CA LYS B 208 5.70 5.76 27.66
C LYS B 208 5.19 7.20 27.68
N SER B 209 5.90 8.07 28.42
CA SER B 209 5.41 9.39 28.89
C SER B 209 6.51 10.43 28.77
N PHE B 210 6.08 11.68 28.64
CA PHE B 210 6.93 12.85 28.92
C PHE B 210 6.01 13.90 29.55
N ASN B 211 6.63 14.89 30.19
CA ASN B 211 5.97 16.12 30.72
C ASN B 211 6.36 17.28 29.82
N ARG B 212 5.39 18.02 29.25
CA ARG B 212 5.63 19.24 28.43
C ARG B 212 6.51 20.18 29.27
N GLY B 213 7.73 20.51 28.81
CA GLY B 213 8.85 20.99 29.67
C GLY B 213 10.05 20.05 29.67
C1 GOL C . -11.21 -11.62 -23.90
O1 GOL C . -12.59 -11.58 -24.30
C2 GOL C . -11.02 -11.03 -22.53
O2 GOL C . -12.34 -10.87 -22.01
C3 GOL C . -10.16 -11.87 -21.58
O3 GOL C . -10.20 -11.47 -20.18
H11 GOL C . -10.68 -11.12 -24.56
H12 GOL C . -10.89 -12.56 -23.91
HO1 GOL C . -12.66 -11.95 -25.06
H2 GOL C . -10.60 -10.15 -22.62
HO2 GOL C . -12.37 -11.22 -21.31
H31 GOL C . -9.22 -11.83 -21.89
H32 GOL C . -10.45 -12.81 -21.64
HO3 GOL C . -11.01 -11.44 -19.95
S SO4 D . -16.25 -18.16 -23.87
O1 SO4 D . -15.40 -19.03 -24.65
O2 SO4 D . -17.03 -19.03 -22.99
O3 SO4 D . -17.09 -17.40 -24.73
O4 SO4 D . -15.43 -17.29 -23.06
#